data_9JGG
#
_entry.id   9JGG
#
_cell.length_a   1.000
_cell.length_b   1.000
_cell.length_c   1.000
_cell.angle_alpha   90.00
_cell.angle_beta   90.00
_cell.angle_gamma   90.00
#
_symmetry.space_group_name_H-M   'P 1'
#
_entity_poly.entity_id   1
_entity_poly.type   'polypeptide(L)'
_entity_poly.pdbx_seq_one_letter_code
;KGCIKEGKWCPKTAPCCRPLQCKGPSPKQKKCTKV
;
_entity_poly.pdbx_strand_id   A
#
# COMPACT_ATOMS: atom_id res chain seq x y z
N LYS A 1 -0.18 -4.80 14.20
CA LYS A 1 -0.38 -3.43 13.76
C LYS A 1 -1.56 -3.34 12.80
N GLY A 2 -2.61 -4.11 13.06
CA GLY A 2 -3.77 -4.10 12.21
C GLY A 2 -3.43 -4.32 10.75
N CYS A 3 -3.74 -3.34 9.91
CA CYS A 3 -3.47 -3.43 8.48
C CYS A 3 -2.61 -2.25 8.02
N ILE A 4 -2.36 -2.18 6.71
CA ILE A 4 -1.57 -1.11 6.14
C ILE A 4 -2.46 0.03 5.63
N LYS A 5 -2.33 1.19 6.25
CA LYS A 5 -3.11 2.36 5.86
C LYS A 5 -2.46 3.09 4.70
N GLU A 6 -3.24 3.93 4.03
CA GLU A 6 -2.74 4.70 2.89
C GLU A 6 -1.57 5.59 3.30
N GLY A 7 -0.58 5.71 2.43
CA GLY A 7 0.58 6.53 2.72
C GLY A 7 1.76 5.71 3.22
N LYS A 8 1.49 4.49 3.69
CA LYS A 8 2.53 3.62 4.20
C LYS A 8 3.14 2.79 3.08
N TRP A 9 4.37 2.36 3.28
CA TRP A 9 5.08 1.56 2.27
C TRP A 9 4.61 0.11 2.33
N CYS A 10 4.36 -0.47 1.16
CA CYS A 10 3.91 -1.86 1.07
C CYS A 10 4.32 -2.48 -0.25
N PRO A 11 4.62 -3.79 -0.23
CA PRO A 11 5.02 -4.53 -1.43
C PRO A 11 3.88 -4.72 -2.41
N LYS A 12 4.12 -5.50 -3.46
CA LYS A 12 3.11 -5.76 -4.48
C LYS A 12 1.96 -6.58 -3.91
N THR A 13 0.74 -6.14 -4.15
CA THR A 13 -0.45 -6.83 -3.66
C THR A 13 -0.32 -7.16 -2.18
N ALA A 14 0.40 -6.30 -1.45
CA ALA A 14 0.60 -6.50 -0.01
C ALA A 14 -0.75 -6.57 0.71
N PRO A 15 -0.71 -7.08 1.96
CA PRO A 15 -1.91 -7.21 2.79
C PRO A 15 -2.47 -5.86 3.24
N CYS A 16 -2.91 -5.06 2.27
CA CYS A 16 -3.46 -3.75 2.56
C CYS A 16 -4.71 -3.87 3.41
N CYS A 17 -5.21 -2.73 3.89
CA CYS A 17 -6.40 -2.70 4.73
C CYS A 17 -7.60 -3.26 3.98
N ARG A 18 -7.92 -2.64 2.85
CA ARG A 18 -9.04 -3.08 2.03
C ARG A 18 -9.22 -2.18 0.81
N PRO A 19 -9.42 -0.87 1.06
CA PRO A 19 -9.59 0.12 -0.01
C PRO A 19 -8.30 0.36 -0.79
N LEU A 20 -7.17 0.12 -0.15
CA LEU A 20 -5.87 0.31 -0.78
C LEU A 20 -5.56 -0.82 -1.76
N GLN A 21 -4.91 -0.50 -2.87
CA GLN A 21 -4.55 -1.49 -3.86
C GLN A 21 -3.07 -1.84 -3.78
N CYS A 22 -2.35 -1.14 -2.92
CA CYS A 22 -0.92 -1.38 -2.74
C CYS A 22 -0.15 -1.10 -4.04
N LYS A 23 -0.23 0.15 -4.50
CA LYS A 23 0.45 0.56 -5.72
C LYS A 23 1.69 1.39 -5.40
N GLY A 24 2.11 2.20 -6.36
CA GLY A 24 3.29 3.04 -6.16
C GLY A 24 4.00 3.36 -7.46
N PRO A 25 4.62 4.56 -7.51
CA PRO A 25 5.35 5.01 -8.70
C PRO A 25 6.63 4.22 -8.94
N SER A 26 7.17 3.64 -7.87
CA SER A 26 8.39 2.86 -7.96
C SER A 26 8.53 1.92 -6.77
N PRO A 27 9.49 0.98 -6.86
CA PRO A 27 9.75 0.01 -5.79
C PRO A 27 10.36 0.66 -4.56
N LYS A 28 10.99 1.80 -4.75
CA LYS A 28 11.62 2.53 -3.65
C LYS A 28 10.60 3.41 -2.92
N GLN A 29 9.50 3.72 -3.60
CA GLN A 29 8.45 4.54 -3.02
C GLN A 29 7.09 3.86 -3.14
N LYS A 30 7.08 2.54 -3.05
CA LYS A 30 5.85 1.77 -3.15
C LYS A 30 5.01 1.92 -1.88
N LYS A 31 3.94 2.68 -1.98
CA LYS A 31 3.05 2.91 -0.84
C LYS A 31 1.61 2.50 -1.18
N CYS A 32 0.83 2.21 -0.16
CA CYS A 32 -0.56 1.81 -0.34
C CYS A 32 -1.42 3.01 -0.73
N THR A 33 -2.00 2.96 -1.93
CA THR A 33 -2.85 4.05 -2.41
C THR A 33 -4.32 3.63 -2.42
N LYS A 34 -5.20 4.58 -2.10
CA LYS A 34 -6.63 4.31 -2.07
C LYS A 34 -7.28 4.70 -3.40
N VAL A 35 -8.31 3.95 -3.79
CA VAL A 35 -9.01 4.21 -5.04
C VAL A 35 -10.45 4.66 -4.77
N LYS A 1 -0.35 -4.97 15.05
CA LYS A 1 -0.53 -4.17 13.84
C LYS A 1 -1.71 -4.68 13.03
N GLY A 2 -2.74 -3.84 12.90
CA GLY A 2 -3.92 -4.22 12.15
C GLY A 2 -3.63 -4.45 10.68
N CYS A 3 -3.66 -3.37 9.90
CA CYS A 3 -3.40 -3.45 8.47
C CYS A 3 -2.57 -2.27 8.01
N ILE A 4 -2.33 -2.20 6.70
CA ILE A 4 -1.54 -1.11 6.12
C ILE A 4 -2.43 0.02 5.62
N LYS A 5 -2.31 1.17 6.25
CA LYS A 5 -3.11 2.34 5.87
C LYS A 5 -2.47 3.08 4.69
N GLU A 6 -3.25 3.93 4.04
CA GLU A 6 -2.77 4.70 2.90
C GLU A 6 -1.61 5.60 3.30
N GLY A 7 -0.61 5.72 2.42
CA GLY A 7 0.54 6.55 2.71
C GLY A 7 1.72 5.74 3.21
N LYS A 8 1.46 4.52 3.67
CA LYS A 8 2.52 3.65 4.17
C LYS A 8 3.12 2.82 3.04
N TRP A 9 4.37 2.41 3.22
CA TRP A 9 5.06 1.61 2.22
C TRP A 9 4.61 0.16 2.28
N CYS A 10 4.36 -0.43 1.11
CA CYS A 10 3.92 -1.82 1.03
C CYS A 10 4.32 -2.44 -0.30
N PRO A 11 4.63 -3.74 -0.29
CA PRO A 11 5.03 -4.48 -1.48
C PRO A 11 3.88 -4.67 -2.46
N LYS A 12 4.13 -5.45 -3.51
CA LYS A 12 3.11 -5.71 -4.53
C LYS A 12 1.97 -6.55 -3.94
N THR A 13 0.74 -6.11 -4.18
CA THR A 13 -0.44 -6.82 -3.68
C THR A 13 -0.29 -7.14 -2.20
N ALA A 14 0.42 -6.28 -1.48
CA ALA A 14 0.62 -6.48 -0.05
C ALA A 14 -0.71 -6.57 0.69
N PRO A 15 -0.67 -7.07 1.94
CA PRO A 15 -1.86 -7.22 2.78
C PRO A 15 -2.42 -5.87 3.23
N CYS A 16 -2.86 -5.07 2.27
CA CYS A 16 -3.43 -3.75 2.57
C CYS A 16 -4.68 -3.88 3.43
N CYS A 17 -5.18 -2.75 3.91
CA CYS A 17 -6.36 -2.73 4.75
C CYS A 17 -7.57 -3.30 4.00
N ARG A 18 -7.89 -2.68 2.87
CA ARG A 18 -9.02 -3.12 2.06
C ARG A 18 -9.20 -2.21 0.84
N PRO A 19 -9.40 -0.92 1.10
CA PRO A 19 -9.60 0.08 0.04
C PRO A 19 -8.31 0.34 -0.75
N LEU A 20 -7.17 0.10 -0.12
CA LEU A 20 -5.88 0.30 -0.76
C LEU A 20 -5.57 -0.83 -1.74
N GLN A 21 -4.94 -0.49 -2.85
CA GLN A 21 -4.58 -1.47 -3.86
C GLN A 21 -3.10 -1.83 -3.79
N CYS A 22 -2.38 -1.12 -2.93
CA CYS A 22 -0.95 -1.36 -2.76
C CYS A 22 -0.19 -1.06 -4.05
N LYS A 23 -0.25 0.20 -4.49
CA LYS A 23 0.42 0.62 -5.72
C LYS A 23 1.68 1.41 -5.40
N GLY A 24 2.11 2.24 -6.34
CA GLY A 24 3.29 3.05 -6.14
C GLY A 24 4.02 3.35 -7.44
N PRO A 25 4.68 4.52 -7.50
CA PRO A 25 5.42 4.95 -8.69
C PRO A 25 6.68 4.12 -8.91
N SER A 26 7.21 3.56 -7.84
CA SER A 26 8.42 2.75 -7.91
C SER A 26 8.54 1.83 -6.70
N PRO A 27 9.47 0.87 -6.77
CA PRO A 27 9.70 -0.09 -5.69
C PRO A 27 10.33 0.56 -4.46
N LYS A 28 10.98 1.69 -4.67
CA LYS A 28 11.62 2.43 -3.58
C LYS A 28 10.63 3.34 -2.88
N GLN A 29 9.54 3.66 -3.57
CA GLN A 29 8.50 4.53 -3.01
C GLN A 29 7.12 3.90 -3.15
N LYS A 30 7.08 2.57 -3.08
CA LYS A 30 5.82 1.84 -3.19
C LYS A 30 4.99 1.99 -1.92
N LYS A 31 3.89 2.73 -2.02
CA LYS A 31 3.01 2.94 -0.88
C LYS A 31 1.58 2.53 -1.22
N CYS A 32 0.80 2.24 -0.19
CA CYS A 32 -0.59 1.84 -0.37
C CYS A 32 -1.47 3.03 -0.73
N THR A 33 -2.05 2.98 -1.92
CA THR A 33 -2.92 4.06 -2.38
C THR A 33 -4.37 3.63 -2.40
N LYS A 34 -5.27 4.56 -2.06
CA LYS A 34 -6.70 4.29 -2.04
C LYS A 34 -7.35 4.68 -3.35
N VAL A 35 -8.41 3.96 -3.72
CA VAL A 35 -9.12 4.23 -4.97
C VAL A 35 -10.60 4.51 -4.69
N LYS A 1 0.42 -4.82 14.61
CA LYS A 1 -0.39 -3.78 13.99
C LYS A 1 -1.51 -4.39 13.15
N GLY A 2 -2.58 -3.63 12.98
CA GLY A 2 -3.72 -4.11 12.21
C GLY A 2 -3.37 -4.33 10.75
N CYS A 3 -3.72 -3.35 9.91
CA CYS A 3 -3.44 -3.44 8.48
C CYS A 3 -2.60 -2.26 8.01
N ILE A 4 -2.35 -2.19 6.71
CA ILE A 4 -1.56 -1.11 6.13
C ILE A 4 -2.44 0.02 5.64
N LYS A 5 -2.32 1.19 6.26
CA LYS A 5 -3.10 2.35 5.87
C LYS A 5 -2.46 3.08 4.70
N GLU A 6 -3.23 3.94 4.04
CA GLU A 6 -2.75 4.70 2.90
C GLU A 6 -1.58 5.60 3.31
N GLY A 7 -0.59 5.70 2.42
CA GLY A 7 0.57 6.54 2.71
C GLY A 7 1.75 5.73 3.21
N LYS A 8 1.48 4.51 3.68
CA LYS A 8 2.53 3.64 4.19
C LYS A 8 3.14 2.80 3.07
N TRP A 9 4.38 2.39 3.26
CA TRP A 9 5.08 1.58 2.26
C TRP A 9 4.61 0.13 2.31
N CYS A 10 4.36 -0.45 1.15
CA CYS A 10 3.92 -1.84 1.07
C CYS A 10 4.33 -2.47 -0.27
N PRO A 11 4.62 -3.77 -0.24
CA PRO A 11 5.03 -4.52 -1.44
C PRO A 11 3.88 -4.70 -2.43
N LYS A 12 4.14 -5.48 -3.47
CA LYS A 12 3.12 -5.74 -4.49
C LYS A 12 1.98 -6.57 -3.92
N THR A 13 0.75 -6.12 -4.16
CA THR A 13 -0.44 -6.83 -3.68
C THR A 13 -0.30 -7.16 -2.19
N ALA A 14 0.41 -6.30 -1.46
CA ALA A 14 0.61 -6.49 -0.03
C ALA A 14 -0.73 -6.57 0.70
N PRO A 15 -0.70 -7.07 1.95
CA PRO A 15 -1.90 -7.21 2.77
C PRO A 15 -2.46 -5.86 3.23
N CYS A 16 -2.89 -5.06 2.26
CA CYS A 16 -3.46 -3.75 2.55
C CYS A 16 -4.71 -3.88 3.41
N CYS A 17 -5.20 -2.74 3.90
CA CYS A 17 -6.39 -2.72 4.74
C CYS A 17 -7.59 -3.27 3.98
N ARG A 18 -7.91 -2.65 2.85
CA ARG A 18 -9.04 -3.09 2.03
C ARG A 18 -9.21 -2.19 0.82
N PRO A 19 -9.41 -0.88 1.08
CA PRO A 19 -9.59 0.12 0.02
C PRO A 19 -8.30 0.36 -0.77
N LEU A 20 -7.17 0.11 -0.14
CA LEU A 20 -5.87 0.31 -0.78
C LEU A 20 -5.57 -0.83 -1.75
N GLN A 21 -4.91 -0.50 -2.85
CA GLN A 21 -4.55 -1.48 -3.86
C GLN A 21 -3.08 -1.85 -3.78
N CYS A 22 -2.35 -1.13 -2.93
CA CYS A 22 -0.92 -1.37 -2.75
C CYS A 22 -0.16 -1.09 -4.04
N LYS A 23 -0.23 0.16 -4.50
CA LYS A 23 0.44 0.57 -5.72
C LYS A 23 1.68 1.40 -5.40
N GLY A 24 2.11 2.21 -6.37
CA GLY A 24 3.28 3.05 -6.17
C GLY A 24 4.00 3.36 -7.46
N PRO A 25 4.63 4.55 -7.52
CA PRO A 25 5.37 5.00 -8.71
C PRO A 25 6.64 4.19 -8.94
N SER A 26 7.17 3.61 -7.87
CA SER A 26 8.40 2.82 -7.95
C SER A 26 8.52 1.89 -6.75
N PRO A 27 9.47 0.94 -6.83
CA PRO A 27 9.72 -0.03 -5.76
C PRO A 27 10.33 0.62 -4.52
N LYS A 28 10.98 1.77 -4.71
CA LYS A 28 11.60 2.49 -3.61
C LYS A 28 10.60 3.38 -2.90
N GLN A 29 9.50 3.69 -3.59
CA GLN A 29 8.45 4.53 -3.01
C GLN A 29 7.09 3.87 -3.14
N LYS A 30 7.07 2.54 -3.05
CA LYS A 30 5.83 1.79 -3.16
C LYS A 30 4.99 1.93 -1.89
N LYS A 31 3.92 2.70 -1.99
CA LYS A 31 3.03 2.92 -0.85
C LYS A 31 1.60 2.51 -1.19
N CYS A 32 0.82 2.21 -0.16
CA CYS A 32 -0.57 1.81 -0.34
C CYS A 32 -1.45 3.01 -0.72
N THR A 33 -2.02 2.96 -1.91
CA THR A 33 -2.87 4.04 -2.40
C THR A 33 -4.33 3.61 -2.42
N LYS A 34 -5.22 4.54 -2.11
CA LYS A 34 -6.66 4.26 -2.09
C LYS A 34 -7.29 4.65 -3.42
N VAL A 35 -8.35 3.93 -3.79
CA VAL A 35 -9.05 4.19 -5.04
C VAL A 35 -10.52 4.49 -4.79
N LYS A 1 -1.34 -3.57 14.67
CA LYS A 1 -1.59 -2.44 13.80
C LYS A 1 -2.92 -2.60 13.06
N GLY A 2 -3.26 -3.85 12.75
CA GLY A 2 -4.50 -4.12 12.04
C GLY A 2 -4.30 -4.32 10.56
N CYS A 3 -3.64 -3.38 9.92
CA CYS A 3 -3.39 -3.46 8.48
C CYS A 3 -2.56 -2.26 8.01
N ILE A 4 -2.32 -2.20 6.70
CA ILE A 4 -1.54 -1.11 6.12
C ILE A 4 -2.43 0.01 5.63
N LYS A 5 -2.31 1.17 6.25
CA LYS A 5 -3.11 2.34 5.87
C LYS A 5 -2.48 3.08 4.69
N GLU A 6 -3.26 3.92 4.03
CA GLU A 6 -2.78 4.69 2.89
C GLU A 6 -1.62 5.60 3.30
N GLY A 7 -0.63 5.71 2.42
CA GLY A 7 0.53 6.55 2.71
C GLY A 7 1.71 5.74 3.20
N LYS A 8 1.45 4.53 3.66
CA LYS A 8 2.52 3.66 4.17
C LYS A 8 3.12 2.83 3.04
N TRP A 9 4.36 2.42 3.22
CA TRP A 9 5.05 1.61 2.21
C TRP A 9 4.60 0.16 2.27
N CYS A 10 4.35 -0.42 1.10
CA CYS A 10 3.92 -1.81 1.02
C CYS A 10 4.31 -2.43 -0.32
N PRO A 11 4.62 -3.73 -0.30
CA PRO A 11 5.02 -4.47 -1.50
C PRO A 11 3.86 -4.65 -2.48
N LYS A 12 4.10 -5.43 -3.53
CA LYS A 12 3.08 -5.69 -4.55
C LYS A 12 1.94 -6.52 -3.96
N THR A 13 0.72 -6.07 -4.18
CA THR A 13 -0.46 -6.78 -3.69
C THR A 13 -0.32 -7.10 -2.21
N ALA A 14 0.41 -6.26 -1.49
CA ALA A 14 0.63 -6.46 -0.06
C ALA A 14 -0.70 -6.55 0.69
N PRO A 15 -0.65 -7.06 1.93
CA PRO A 15 -1.84 -7.22 2.77
C PRO A 15 -2.41 -5.87 3.23
N CYS A 16 -2.85 -5.06 2.28
CA CYS A 16 -3.42 -3.75 2.58
C CYS A 16 -4.67 -3.89 3.44
N CYS A 17 -5.17 -2.77 3.93
CA CYS A 17 -6.36 -2.75 4.77
C CYS A 17 -7.56 -3.32 4.02
N ARG A 18 -7.89 -2.71 2.88
CA ARG A 18 -9.02 -3.16 2.08
C ARG A 18 -9.20 -2.25 0.86
N PRO A 19 -9.41 -0.95 1.11
CA PRO A 19 -9.61 0.04 0.05
C PRO A 19 -8.33 0.31 -0.74
N LEU A 20 -7.19 0.08 -0.10
CA LEU A 20 -5.90 0.29 -0.75
C LEU A 20 -5.58 -0.85 -1.73
N GLN A 21 -4.96 -0.49 -2.84
CA GLN A 21 -4.61 -1.48 -3.87
C GLN A 21 -3.13 -1.83 -3.78
N CYS A 22 -2.40 -1.11 -2.93
CA CYS A 22 -0.96 -1.35 -2.76
C CYS A 22 -0.21 -1.05 -4.06
N LYS A 23 -0.25 0.20 -4.49
CA LYS A 23 0.42 0.61 -5.71
C LYS A 23 1.69 1.41 -5.39
N GLY A 24 2.12 2.24 -6.34
CA GLY A 24 3.30 3.05 -6.14
C GLY A 24 4.03 3.34 -7.44
N PRO A 25 4.70 4.51 -7.49
CA PRO A 25 5.45 4.93 -8.67
C PRO A 25 6.70 4.10 -8.91
N SER A 26 7.23 3.54 -7.82
CA SER A 26 8.43 2.72 -7.90
C SER A 26 8.55 1.80 -6.68
N PRO A 27 9.48 0.84 -6.75
CA PRO A 27 9.71 -0.12 -5.66
C PRO A 27 10.34 0.54 -4.44
N LYS A 28 11.00 1.67 -4.65
CA LYS A 28 11.65 2.40 -3.57
C LYS A 28 10.66 3.34 -2.88
N GLN A 29 9.57 3.66 -3.57
CA GLN A 29 8.55 4.54 -3.02
C GLN A 29 7.17 3.93 -3.16
N LYS A 30 7.10 2.61 -3.09
CA LYS A 30 5.84 1.90 -3.21
C LYS A 30 5.01 2.03 -1.94
N LYS A 31 3.88 2.73 -2.03
CA LYS A 31 3.01 2.94 -0.89
C LYS A 31 1.57 2.54 -1.23
N CYS A 32 0.80 2.24 -0.19
CA CYS A 32 -0.59 1.84 -0.38
C CYS A 32 -1.46 3.04 -0.73
N THR A 33 -2.07 3.00 -1.92
CA THR A 33 -2.92 4.08 -2.38
C THR A 33 -4.39 3.67 -2.37
N LYS A 34 -5.26 4.60 -2.02
CA LYS A 34 -6.70 4.34 -1.97
C LYS A 34 -7.37 4.75 -3.28
N VAL A 35 -8.40 4.00 -3.66
CA VAL A 35 -9.14 4.28 -4.89
C VAL A 35 -10.63 4.42 -4.63
N LYS A 1 -0.48 -4.78 14.98
CA LYS A 1 -0.63 -4.02 13.75
C LYS A 1 -1.78 -4.56 12.90
N GLY A 2 -2.89 -3.84 12.90
CA GLY A 2 -4.06 -4.27 12.13
C GLY A 2 -3.73 -4.48 10.67
N CYS A 3 -3.81 -3.41 9.88
CA CYS A 3 -3.53 -3.48 8.45
C CYS A 3 -2.67 -2.31 8.00
N ILE A 4 -2.41 -2.24 6.70
CA ILE A 4 -1.60 -1.16 6.15
C ILE A 4 -2.48 -0.02 5.65
N LYS A 5 -2.34 1.15 6.28
CA LYS A 5 -3.12 2.32 5.89
C LYS A 5 -2.46 3.05 4.73
N GLU A 6 -3.22 3.92 4.07
CA GLU A 6 -2.72 4.68 2.93
C GLU A 6 -1.56 5.57 3.35
N GLY A 7 -0.56 5.70 2.47
CA GLY A 7 0.60 6.52 2.78
C GLY A 7 1.77 5.70 3.27
N LYS A 8 1.49 4.49 3.73
CA LYS A 8 2.54 3.60 4.24
C LYS A 8 3.14 2.77 3.12
N TRP A 9 4.38 2.35 3.30
CA TRP A 9 5.08 1.54 2.30
C TRP A 9 4.62 0.09 2.36
N CYS A 10 4.36 -0.49 1.19
CA CYS A 10 3.92 -1.87 1.10
C CYS A 10 4.32 -2.49 -0.23
N PRO A 11 4.62 -3.80 -0.21
CA PRO A 11 5.02 -4.54 -1.42
C PRO A 11 3.87 -4.71 -2.41
N LYS A 12 4.12 -5.49 -3.45
CA LYS A 12 3.10 -5.74 -4.47
C LYS A 12 1.96 -6.57 -3.91
N THR A 13 0.72 -6.12 -4.15
CA THR A 13 -0.46 -6.82 -3.67
C THR A 13 -0.33 -7.15 -2.18
N ALA A 14 0.39 -6.30 -1.45
CA ALA A 14 0.58 -6.51 -0.02
C ALA A 14 -0.75 -6.59 0.71
N PRO A 15 -0.72 -7.08 1.95
CA PRO A 15 -1.92 -7.23 2.79
C PRO A 15 -2.48 -5.88 3.24
N CYS A 16 -2.90 -5.07 2.29
CA CYS A 16 -3.46 -3.75 2.58
C CYS A 16 -4.72 -3.88 3.42
N CYS A 17 -5.22 -2.74 3.88
CA CYS A 17 -6.44 -2.72 4.69
C CYS A 17 -7.63 -3.27 3.92
N ARG A 18 -7.91 -2.66 2.76
CA ARG A 18 -9.02 -3.08 1.93
C ARG A 18 -9.17 -2.16 0.72
N PRO A 19 -9.38 -0.86 0.98
CA PRO A 19 -9.54 0.14 -0.06
C PRO A 19 -8.25 0.40 -0.83
N LEU A 20 -7.12 0.14 -0.17
CA LEU A 20 -5.82 0.36 -0.79
C LEU A 20 -5.50 -0.76 -1.78
N GLN A 21 -4.82 -0.40 -2.87
CA GLN A 21 -4.46 -1.37 -3.89
C GLN A 21 -2.99 -1.77 -3.76
N CYS A 22 -2.27 -1.08 -2.88
CA CYS A 22 -0.86 -1.36 -2.66
C CYS A 22 -0.04 -1.05 -3.92
N LYS A 23 -0.38 0.05 -4.58
CA LYS A 23 0.32 0.46 -5.79
C LYS A 23 1.54 1.31 -5.46
N GLY A 24 2.05 2.03 -6.45
CA GLY A 24 3.20 2.88 -6.24
C GLY A 24 3.92 3.21 -7.54
N PRO A 25 4.54 4.40 -7.59
CA PRO A 25 5.28 4.86 -8.77
C PRO A 25 6.57 4.07 -8.99
N SER A 26 7.13 3.56 -7.90
CA SER A 26 8.36 2.78 -7.98
C SER A 26 8.52 1.89 -6.75
N PRO A 27 9.50 0.97 -6.81
CA PRO A 27 9.77 0.04 -5.71
C PRO A 27 10.38 0.74 -4.50
N LYS A 28 11.00 1.89 -4.73
CA LYS A 28 11.62 2.66 -3.66
C LYS A 28 10.59 3.54 -2.96
N GLN A 29 9.48 3.80 -3.64
CA GLN A 29 8.42 4.64 -3.08
C GLN A 29 7.07 3.94 -3.18
N LYS A 30 7.08 2.61 -3.08
CA LYS A 30 5.86 1.82 -3.17
C LYS A 30 5.04 1.96 -1.89
N LYS A 31 3.94 2.71 -1.97
CA LYS A 31 3.07 2.92 -0.83
C LYS A 31 1.63 2.54 -1.16
N CYS A 32 0.85 2.23 -0.13
CA CYS A 32 -0.54 1.84 -0.31
C CYS A 32 -1.39 3.06 -0.68
N THR A 33 -1.97 3.04 -1.87
CA THR A 33 -2.81 4.15 -2.34
C THR A 33 -4.28 3.75 -2.34
N LYS A 34 -5.14 4.69 -1.98
CA LYS A 34 -6.58 4.45 -1.94
C LYS A 34 -7.24 4.89 -3.24
N VAL A 35 -8.29 4.18 -3.63
CA VAL A 35 -9.01 4.50 -4.86
C VAL A 35 -10.47 4.82 -4.57
N LYS A 1 -1.66 -3.89 14.89
CA LYS A 1 -1.38 -3.24 13.60
C LYS A 1 -2.65 -3.12 12.76
N GLY A 2 -3.46 -4.17 12.78
CA GLY A 2 -4.70 -4.17 12.01
C GLY A 2 -4.46 -4.37 10.53
N CYS A 3 -3.84 -3.39 9.89
CA CYS A 3 -3.56 -3.47 8.45
C CYS A 3 -2.69 -2.29 8.00
N ILE A 4 -2.43 -2.22 6.71
CA ILE A 4 -1.61 -1.14 6.15
C ILE A 4 -2.49 -0.01 5.65
N LYS A 5 -2.35 1.17 6.27
CA LYS A 5 -3.13 2.33 5.88
C LYS A 5 -2.47 3.07 4.72
N GLU A 6 -3.23 3.92 4.04
CA GLU A 6 -2.72 4.68 2.91
C GLU A 6 -1.55 5.57 3.34
N GLY A 7 -0.55 5.69 2.47
CA GLY A 7 0.61 6.51 2.78
C GLY A 7 1.78 5.70 3.28
N LYS A 8 1.49 4.48 3.74
CA LYS A 8 2.54 3.60 4.26
C LYS A 8 3.15 2.77 3.13
N TRP A 9 4.38 2.33 3.33
CA TRP A 9 5.09 1.53 2.33
C TRP A 9 4.61 0.08 2.39
N CYS A 10 4.37 -0.50 1.21
CA CYS A 10 3.92 -1.88 1.13
C CYS A 10 4.32 -2.50 -0.21
N PRO A 11 4.62 -3.81 -0.20
CA PRO A 11 5.02 -4.54 -1.40
C PRO A 11 3.87 -4.72 -2.39
N LYS A 12 4.11 -5.50 -3.43
CA LYS A 12 3.10 -5.75 -4.45
C LYS A 12 1.96 -6.58 -3.89
N THR A 13 0.72 -6.13 -4.13
CA THR A 13 -0.46 -6.83 -3.65
C THR A 13 -0.33 -7.16 -2.17
N ALA A 14 0.39 -6.31 -1.44
CA ALA A 14 0.58 -6.51 0.00
C ALA A 14 -0.75 -6.59 0.73
N PRO A 15 -0.73 -7.09 1.97
CA PRO A 15 -1.93 -7.23 2.80
C PRO A 15 -2.48 -5.88 3.25
N CYS A 16 -2.91 -5.07 2.28
CA CYS A 16 -3.46 -3.75 2.58
C CYS A 16 -4.73 -3.87 3.41
N CYS A 17 -5.24 -2.73 3.88
CA CYS A 17 -6.45 -2.71 4.69
C CYS A 17 -7.63 -3.26 3.90
N ARG A 18 -7.92 -2.65 2.76
CA ARG A 18 -9.03 -3.08 1.92
C ARG A 18 -9.18 -2.16 0.71
N PRO A 19 -9.39 -0.87 0.97
CA PRO A 19 -9.54 0.14 -0.09
C PRO A 19 -8.25 0.40 -0.85
N LEU A 20 -7.12 0.15 -0.19
CA LEU A 20 -5.82 0.36 -0.80
C LEU A 20 -5.50 -0.76 -1.79
N GLN A 21 -4.82 -0.40 -2.88
CA GLN A 21 -4.45 -1.37 -3.90
C GLN A 21 -2.99 -1.77 -3.77
N CYS A 22 -2.27 -1.09 -2.89
CA CYS A 22 -0.85 -1.37 -2.67
C CYS A 22 -0.03 -1.07 -3.92
N LYS A 23 -0.35 0.04 -4.57
CA LYS A 23 0.34 0.44 -5.79
C LYS A 23 1.56 1.30 -5.45
N GLY A 24 2.06 2.03 -6.45
CA GLY A 24 3.21 2.89 -6.23
C GLY A 24 3.92 3.24 -7.53
N PRO A 25 4.52 4.43 -7.58
CA PRO A 25 5.25 4.91 -8.76
C PRO A 25 6.54 4.14 -8.99
N SER A 26 7.11 3.60 -7.92
CA SER A 26 8.35 2.85 -8.00
C SER A 26 8.52 1.94 -6.79
N PRO A 27 9.49 1.02 -6.87
CA PRO A 27 9.78 0.07 -5.79
C PRO A 27 10.38 0.75 -4.56
N LYS A 28 10.99 1.91 -4.78
CA LYS A 28 11.61 2.67 -3.70
C LYS A 28 10.58 3.53 -2.97
N GLN A 29 9.46 3.80 -3.64
CA GLN A 29 8.39 4.60 -3.06
C GLN A 29 7.06 3.89 -3.16
N LYS A 30 7.09 2.56 -3.06
CA LYS A 30 5.87 1.76 -3.14
C LYS A 30 5.04 1.90 -1.87
N LYS A 31 3.97 2.69 -1.95
CA LYS A 31 3.09 2.89 -0.81
C LYS A 31 1.65 2.52 -1.15
N CYS A 32 0.86 2.21 -0.12
CA CYS A 32 -0.53 1.84 -0.32
C CYS A 32 -1.38 3.05 -0.68
N THR A 33 -1.96 3.02 -1.87
CA THR A 33 -2.79 4.13 -2.34
C THR A 33 -4.27 3.74 -2.35
N LYS A 34 -5.12 4.69 -1.99
CA LYS A 34 -6.55 4.44 -1.96
C LYS A 34 -7.22 4.89 -3.26
N VAL A 35 -8.27 4.19 -3.65
CA VAL A 35 -9.00 4.50 -4.88
C VAL A 35 -10.45 4.84 -4.58
N LYS A 1 -1.06 -2.90 14.93
CA LYS A 1 -0.65 -2.91 13.53
C LYS A 1 -1.85 -3.08 12.61
N GLY A 2 -2.72 -4.02 12.94
CA GLY A 2 -3.91 -4.26 12.14
C GLY A 2 -3.58 -4.45 10.67
N CYS A 3 -3.82 -3.42 9.87
CA CYS A 3 -3.55 -3.48 8.44
C CYS A 3 -2.69 -2.30 8.00
N ILE A 4 -2.42 -2.23 6.69
CA ILE A 4 -1.61 -1.14 6.15
C ILE A 4 -2.48 0.00 5.65
N LYS A 5 -2.34 1.16 6.26
CA LYS A 5 -3.12 2.33 5.88
C LYS A 5 -2.46 3.07 4.72
N GLU A 6 -3.22 3.92 4.05
CA GLU A 6 -2.72 4.68 2.92
C GLU A 6 -1.54 5.57 3.34
N GLY A 7 -0.55 5.69 2.47
CA GLY A 7 0.61 6.51 2.77
C GLY A 7 1.78 5.70 3.28
N LYS A 8 1.49 4.49 3.73
CA LYS A 8 2.54 3.60 4.25
C LYS A 8 3.15 2.77 3.13
N TRP A 9 4.40 2.33 3.33
CA TRP A 9 5.09 1.53 2.33
C TRP A 9 4.62 0.07 2.38
N CYS A 10 4.37 -0.50 1.21
CA CYS A 10 3.92 -1.88 1.11
C CYS A 10 4.32 -2.50 -0.21
N PRO A 11 4.62 -3.81 -0.20
CA PRO A 11 5.02 -4.54 -1.40
C PRO A 11 3.87 -4.72 -2.39
N LYS A 12 4.11 -5.50 -3.43
CA LYS A 12 3.10 -5.75 -4.45
C LYS A 12 1.96 -6.58 -3.89
N THR A 13 0.73 -6.13 -4.13
CA THR A 13 -0.45 -6.83 -3.65
C THR A 13 -0.32 -7.16 -2.16
N ALA A 14 0.38 -6.31 -1.43
CA ALA A 14 0.58 -6.51 0.00
C ALA A 14 -0.76 -6.59 0.73
N PRO A 15 -0.73 -7.09 1.97
CA PRO A 15 -1.93 -7.23 2.80
C PRO A 15 -2.48 -5.88 3.25
N CYS A 16 -2.92 -5.07 2.29
CA CYS A 16 -3.46 -3.75 2.58
C CYS A 16 -4.74 -3.86 3.42
N CYS A 17 -5.24 -2.73 3.88
CA CYS A 17 -6.45 -2.71 4.69
C CYS A 17 -7.65 -3.25 3.91
N ARG A 18 -7.92 -2.65 2.76
CA ARG A 18 -9.03 -3.08 1.92
C ARG A 18 -9.18 -2.16 0.71
N PRO A 19 -9.39 -0.87 0.97
CA PRO A 19 -9.54 0.14 -0.09
C PRO A 19 -8.25 0.40 -0.85
N LEU A 20 -7.12 0.15 -0.19
CA LEU A 20 -5.82 0.36 -0.80
C LEU A 20 -5.50 -0.76 -1.79
N GLN A 21 -4.81 -0.40 -2.88
CA GLN A 21 -4.44 -1.37 -3.90
C GLN A 21 -2.98 -1.77 -3.77
N CYS A 22 -2.26 -1.08 -2.89
CA CYS A 22 -0.85 -1.37 -2.67
C CYS A 22 -0.03 -1.07 -3.92
N LYS A 23 -0.36 0.04 -4.58
CA LYS A 23 0.34 0.44 -5.79
C LYS A 23 1.56 1.30 -5.45
N GLY A 24 2.06 2.03 -6.44
CA GLY A 24 3.21 2.89 -6.23
C GLY A 24 3.92 3.24 -7.53
N PRO A 25 4.52 4.43 -7.58
CA PRO A 25 5.24 4.91 -8.75
C PRO A 25 6.54 4.15 -8.99
N SER A 26 7.11 3.61 -7.91
CA SER A 26 8.35 2.85 -8.00
C SER A 26 8.52 1.94 -6.79
N PRO A 27 9.49 1.02 -6.87
CA PRO A 27 9.78 0.07 -5.79
C PRO A 27 10.38 0.76 -4.57
N LYS A 28 10.99 1.91 -4.78
CA LYS A 28 11.60 2.67 -3.69
C LYS A 28 10.57 3.52 -2.97
N GLN A 29 9.45 3.79 -3.64
CA GLN A 29 8.39 4.60 -3.06
C GLN A 29 7.05 3.88 -3.16
N LYS A 30 7.08 2.55 -3.05
CA LYS A 30 5.87 1.75 -3.14
C LYS A 30 5.03 1.89 -1.88
N LYS A 31 3.97 2.69 -1.95
CA LYS A 31 3.09 2.90 -0.80
C LYS A 31 1.65 2.52 -1.15
N CYS A 32 0.86 2.22 -0.13
CA CYS A 32 -0.54 1.84 -0.32
C CYS A 32 -1.38 3.05 -0.69
N THR A 33 -1.96 3.03 -1.88
CA THR A 33 -2.78 4.14 -2.35
C THR A 33 -4.26 3.75 -2.35
N LYS A 34 -5.12 4.69 -1.99
CA LYS A 34 -6.55 4.45 -1.95
C LYS A 34 -7.22 4.89 -3.26
N VAL A 35 -8.26 4.18 -3.66
CA VAL A 35 -8.98 4.50 -4.89
C VAL A 35 -10.45 4.84 -4.60
N LYS A 1 -1.13 -2.91 14.83
CA LYS A 1 -1.50 -1.92 13.82
C LYS A 1 -2.75 -2.36 13.06
N GLY A 2 -2.89 -3.66 12.87
CA GLY A 2 -4.04 -4.18 12.15
C GLY A 2 -3.76 -4.42 10.68
N CYS A 3 -3.69 -3.33 9.91
CA CYS A 3 -3.41 -3.42 8.48
C CYS A 3 -2.58 -2.25 8.01
N ILE A 4 -2.34 -2.18 6.70
CA ILE A 4 -1.55 -1.10 6.12
C ILE A 4 -2.45 0.03 5.62
N LYS A 5 -2.32 1.19 6.24
CA LYS A 5 -3.12 2.35 5.86
C LYS A 5 -2.49 3.08 4.68
N GLU A 6 -3.27 3.94 4.02
CA GLU A 6 -2.78 4.71 2.88
C GLU A 6 -1.61 5.60 3.29
N GLY A 7 -0.63 5.71 2.40
CA GLY A 7 0.53 6.55 2.69
C GLY A 7 1.72 5.74 3.19
N LYS A 8 1.45 4.52 3.66
CA LYS A 8 2.51 3.66 4.16
C LYS A 8 3.11 2.83 3.03
N TRP A 9 4.36 2.41 3.22
CA TRP A 9 5.06 1.61 2.22
C TRP A 9 4.60 0.15 2.28
N CYS A 10 4.34 -0.44 1.11
CA CYS A 10 3.91 -1.82 1.04
C CYS A 10 4.31 -2.44 -0.31
N PRO A 11 4.61 -3.74 -0.27
CA PRO A 11 5.02 -4.49 -1.48
C PRO A 11 3.87 -4.68 -2.46
N LYS A 12 4.13 -5.46 -3.51
CA LYS A 12 3.11 -5.72 -4.51
C LYS A 12 1.97 -6.55 -3.93
N THR A 13 0.74 -6.12 -4.17
CA THR A 13 -0.44 -6.82 -3.67
C THR A 13 -0.29 -7.14 -2.19
N ALA A 14 0.41 -6.28 -1.46
CA ALA A 14 0.62 -6.48 -0.04
C ALA A 14 -0.70 -6.57 0.71
N PRO A 15 -0.66 -7.07 1.95
CA PRO A 15 -1.85 -7.21 2.79
C PRO A 15 -2.42 -5.87 3.25
N CYS A 16 -2.86 -5.07 2.28
CA CYS A 16 -3.43 -3.76 2.59
C CYS A 16 -4.68 -3.89 3.45
N CYS A 17 -5.18 -2.76 3.92
CA CYS A 17 -6.38 -2.74 4.75
C CYS A 17 -7.57 -3.31 4.00
N ARG A 18 -7.90 -2.70 2.86
CA ARG A 18 -9.02 -3.15 2.05
C ARG A 18 -9.20 -2.25 0.83
N PRO A 19 -9.42 -0.94 1.08
CA PRO A 19 -9.60 0.04 0.01
C PRO A 19 -8.31 0.30 -0.77
N LEU A 20 -7.18 0.08 -0.13
CA LEU A 20 -5.88 0.29 -0.76
C LEU A 20 -5.57 -0.85 -1.74
N GLN A 21 -4.94 -0.49 -2.86
CA GLN A 21 -4.58 -1.48 -3.87
C GLN A 21 -3.10 -1.82 -3.80
N CYS A 22 -2.38 -1.12 -2.92
CA CYS A 22 -0.95 -1.35 -2.74
C CYS A 22 -0.19 -1.05 -4.04
N LYS A 23 -0.25 0.20 -4.47
CA LYS A 23 0.43 0.61 -5.70
C LYS A 23 1.68 1.41 -5.36
N GLY A 24 2.11 2.26 -6.30
CA GLY A 24 3.29 3.07 -6.10
C GLY A 24 4.00 3.39 -7.39
N PRO A 25 4.66 4.56 -7.43
CA PRO A 25 5.40 5.02 -8.61
C PRO A 25 6.65 4.18 -8.87
N SER A 26 7.20 3.60 -7.80
CA SER A 26 8.40 2.78 -7.91
C SER A 26 8.53 1.84 -6.72
N PRO A 27 9.45 0.87 -6.82
CA PRO A 27 9.70 -0.10 -5.76
C PRO A 27 10.34 0.52 -4.53
N LYS A 28 11.00 1.66 -4.72
CA LYS A 28 11.66 2.36 -3.63
C LYS A 28 10.69 3.29 -2.91
N GLN A 29 9.59 3.63 -3.59
CA GLN A 29 8.58 4.51 -3.01
C GLN A 29 7.18 3.91 -3.15
N LYS A 30 7.12 2.58 -3.09
CA LYS A 30 5.84 1.87 -3.21
C LYS A 30 5.02 2.02 -1.93
N LYS A 31 3.90 2.71 -2.03
CA LYS A 31 3.01 2.92 -0.89
C LYS A 31 1.58 2.53 -1.22
N CYS A 32 0.80 2.24 -0.19
CA CYS A 32 -0.59 1.84 -0.38
C CYS A 32 -1.45 3.05 -0.74
N THR A 33 -2.06 3.01 -1.92
CA THR A 33 -2.90 4.11 -2.38
C THR A 33 -4.38 3.70 -2.37
N LYS A 34 -5.24 4.65 -2.02
CA LYS A 34 -6.68 4.39 -1.96
C LYS A 34 -7.35 4.78 -3.27
N VAL A 35 -8.38 4.03 -3.65
CA VAL A 35 -9.11 4.29 -4.88
C VAL A 35 -10.59 4.52 -4.61
N LYS A 1 -0.36 -3.33 15.14
CA LYS A 1 -0.60 -2.82 13.80
C LYS A 1 -1.54 -3.74 13.03
N GLY A 2 -2.80 -3.32 12.91
CA GLY A 2 -3.79 -4.11 12.19
C GLY A 2 -3.42 -4.31 10.74
N CYS A 3 -3.83 -3.38 9.90
CA CYS A 3 -3.55 -3.46 8.46
C CYS A 3 -2.69 -2.28 8.01
N ILE A 4 -2.42 -2.22 6.72
CA ILE A 4 -1.61 -1.14 6.15
C ILE A 4 -2.48 0.00 5.65
N LYS A 5 -2.35 1.16 6.26
CA LYS A 5 -3.13 2.33 5.88
C LYS A 5 -2.47 3.06 4.71
N GLU A 6 -3.23 3.92 4.04
CA GLU A 6 -2.72 4.68 2.90
C GLU A 6 -1.56 5.57 3.33
N GLY A 7 -0.57 5.69 2.45
CA GLY A 7 0.59 6.51 2.74
C GLY A 7 1.77 5.70 3.25
N LYS A 8 1.49 4.48 3.71
CA LYS A 8 2.53 3.60 4.24
C LYS A 8 3.15 2.77 3.11
N TRP A 9 4.39 2.33 3.32
CA TRP A 9 5.09 1.53 2.33
C TRP A 9 4.62 0.08 2.37
N CYS A 10 4.36 -0.50 1.20
CA CYS A 10 3.91 -1.88 1.11
C CYS A 10 4.31 -2.50 -0.22
N PRO A 11 4.61 -3.81 -0.21
CA PRO A 11 5.01 -4.55 -1.40
C PRO A 11 3.86 -4.72 -2.39
N LYS A 12 4.11 -5.51 -3.44
CA LYS A 12 3.09 -5.75 -4.46
C LYS A 12 1.95 -6.58 -3.88
N THR A 13 0.71 -6.13 -4.13
CA THR A 13 -0.46 -6.84 -3.64
C THR A 13 -0.33 -7.16 -2.17
N ALA A 14 0.38 -6.31 -1.44
CA ALA A 14 0.58 -6.51 0.00
C ALA A 14 -0.75 -6.59 0.73
N PRO A 15 -0.73 -7.09 1.97
CA PRO A 15 -1.93 -7.23 2.80
C PRO A 15 -2.48 -5.88 3.25
N CYS A 16 -2.91 -5.07 2.30
CA CYS A 16 -3.46 -3.75 2.60
C CYS A 16 -4.74 -3.87 3.43
N CYS A 17 -5.24 -2.74 3.89
CA CYS A 17 -6.45 -2.71 4.70
C CYS A 17 -7.63 -3.26 3.91
N ARG A 18 -7.92 -2.65 2.77
CA ARG A 18 -9.03 -3.09 1.92
C ARG A 18 -9.18 -2.18 0.70
N PRO A 19 -9.38 -0.88 0.97
CA PRO A 19 -9.55 0.12 -0.09
C PRO A 19 -8.25 0.39 -0.85
N LEU A 20 -7.13 0.13 -0.18
CA LEU A 20 -5.82 0.34 -0.79
C LEU A 20 -5.50 -0.77 -1.78
N GLN A 21 -4.83 -0.41 -2.88
CA GLN A 21 -4.46 -1.38 -3.90
C GLN A 21 -3.00 -1.77 -3.77
N CYS A 22 -2.28 -1.08 -2.90
CA CYS A 22 -0.86 -1.37 -2.67
C CYS A 22 -0.05 -1.06 -3.92
N LYS A 23 -0.36 0.05 -4.58
CA LYS A 23 0.34 0.45 -5.79
C LYS A 23 1.56 1.31 -5.45
N GLY A 24 2.05 2.04 -6.44
CA GLY A 24 3.21 2.89 -6.23
C GLY A 24 3.93 3.25 -7.52
N PRO A 25 4.53 4.44 -7.56
CA PRO A 25 5.25 4.91 -8.74
C PRO A 25 6.55 4.15 -8.97
N SER A 26 7.12 3.61 -7.91
CA SER A 26 8.35 2.85 -8.00
C SER A 26 8.53 1.94 -6.79
N PRO A 27 9.50 1.02 -6.87
CA PRO A 27 9.79 0.08 -5.79
C PRO A 27 10.40 0.75 -4.58
N LYS A 28 11.00 1.91 -4.78
CA LYS A 28 11.63 2.66 -3.70
C LYS A 28 10.60 3.51 -2.97
N GLN A 29 9.49 3.79 -3.64
CA GLN A 29 8.42 4.59 -3.06
C GLN A 29 7.08 3.89 -3.15
N LYS A 30 7.10 2.56 -3.05
CA LYS A 30 5.88 1.76 -3.14
C LYS A 30 5.06 1.90 -1.86
N LYS A 31 3.98 2.68 -1.95
CA LYS A 31 3.10 2.89 -0.80
C LYS A 31 1.66 2.52 -1.15
N CYS A 32 0.86 2.22 -0.13
CA CYS A 32 -0.53 1.84 -0.32
C CYS A 32 -1.37 3.08 -0.68
N THR A 33 -1.96 3.06 -1.87
CA THR A 33 -2.79 4.16 -2.33
C THR A 33 -4.27 3.79 -2.30
N LYS A 34 -5.11 4.75 -1.92
CA LYS A 34 -6.55 4.52 -1.85
C LYS A 34 -7.23 4.98 -3.14
N VAL A 35 -8.30 4.28 -3.51
CA VAL A 35 -9.04 4.61 -4.72
C VAL A 35 -10.52 4.82 -4.43
N LYS A 1 0.50 -3.85 14.43
CA LYS A 1 -0.50 -3.01 13.77
C LYS A 1 -1.51 -3.85 13.00
N GLY A 2 -2.74 -3.36 12.91
CA GLY A 2 -3.77 -4.07 12.21
C GLY A 2 -3.44 -4.30 10.75
N CYS A 3 -3.73 -3.31 9.92
CA CYS A 3 -3.45 -3.41 8.49
C CYS A 3 -2.60 -2.23 8.01
N ILE A 4 -2.36 -2.17 6.71
CA ILE A 4 -1.57 -1.10 6.13
C ILE A 4 -2.46 0.03 5.63
N LYS A 5 -2.34 1.21 6.23
CA LYS A 5 -3.12 2.36 5.85
C LYS A 5 -2.48 3.09 4.67
N GLU A 6 -3.25 3.95 4.01
CA GLU A 6 -2.75 4.70 2.87
C GLU A 6 -1.59 5.60 3.27
N GLY A 7 -0.60 5.71 2.40
CA GLY A 7 0.55 6.53 2.68
C GLY A 7 1.74 5.72 3.19
N LYS A 8 1.47 4.51 3.66
CA LYS A 8 2.51 3.63 4.17
C LYS A 8 3.12 2.80 3.07
N TRP A 9 4.36 2.38 3.25
CA TRP A 9 5.07 1.57 2.26
C TRP A 9 4.60 0.11 2.33
N CYS A 10 4.35 -0.48 1.16
CA CYS A 10 3.91 -1.86 1.08
C CYS A 10 4.32 -2.48 -0.25
N PRO A 11 4.62 -3.79 -0.22
CA PRO A 11 5.03 -4.54 -1.42
C PRO A 11 3.88 -4.73 -2.41
N LYS A 12 4.12 -5.51 -3.45
CA LYS A 12 3.11 -5.77 -4.46
C LYS A 12 1.96 -6.60 -3.88
N THR A 13 0.73 -6.16 -4.13
CA THR A 13 -0.45 -6.85 -3.64
C THR A 13 -0.32 -7.17 -2.16
N ALA A 14 0.41 -6.32 -1.44
CA ALA A 14 0.61 -6.50 0.00
C ALA A 14 -0.74 -6.58 0.73
N PRO A 15 -0.69 -7.07 1.98
CA PRO A 15 -1.89 -7.21 2.81
C PRO A 15 -2.46 -5.87 3.25
N CYS A 16 -2.90 -5.06 2.28
CA CYS A 16 -3.45 -3.75 2.57
C CYS A 16 -4.70 -3.87 3.42
N CYS A 17 -5.20 -2.74 3.90
CA CYS A 17 -6.40 -2.71 4.73
C CYS A 17 -7.60 -3.27 3.98
N ARG A 18 -7.92 -2.65 2.85
CA ARG A 18 -9.05 -3.09 2.04
C ARG A 18 -9.22 -2.19 0.82
N PRO A 19 -9.41 -0.89 1.07
CA PRO A 19 -9.60 0.10 0.00
C PRO A 19 -8.31 0.34 -0.79
N LEU A 20 -7.18 0.11 -0.15
CA LEU A 20 -5.88 0.30 -0.78
C LEU A 20 -5.57 -0.84 -1.75
N GLN A 21 -4.94 -0.50 -2.87
CA GLN A 21 -4.59 -1.50 -3.88
C GLN A 21 -3.09 -1.84 -3.80
N CYS A 22 -2.37 -1.15 -2.93
CA CYS A 22 -0.95 -1.39 -2.76
C CYS A 22 -0.20 -1.09 -4.06
N LYS A 23 -0.19 0.17 -4.47
CA LYS A 23 0.50 0.58 -5.69
C LYS A 23 1.74 1.40 -5.36
N GLY A 24 2.14 2.26 -6.30
CA GLY A 24 3.31 3.09 -6.10
C GLY A 24 4.01 3.43 -7.40
N PRO A 25 4.64 4.62 -7.43
CA PRO A 25 5.35 5.10 -8.62
C PRO A 25 6.62 4.30 -8.88
N SER A 26 7.18 3.69 -7.84
CA SER A 26 8.39 2.91 -7.97
C SER A 26 8.53 1.94 -6.79
N PRO A 27 9.48 0.99 -6.92
CA PRO A 27 9.74 0.00 -5.89
C PRO A 27 10.37 0.61 -4.63
N LYS A 28 11.00 1.76 -4.80
CA LYS A 28 11.64 2.45 -3.69
C LYS A 28 10.64 3.32 -2.93
N GLN A 29 9.55 3.67 -3.60
CA GLN A 29 8.51 4.49 -3.01
C GLN A 29 7.14 3.84 -3.13
N LYS A 30 7.11 2.51 -3.04
CA LYS A 30 5.86 1.77 -3.15
C LYS A 30 5.02 1.92 -1.88
N LYS A 31 3.93 2.66 -2.00
CA LYS A 31 3.04 2.89 -0.86
C LYS A 31 1.61 2.49 -1.20
N CYS A 32 0.82 2.20 -0.18
CA CYS A 32 -0.57 1.80 -0.37
C CYS A 32 -1.43 3.01 -0.75
N THR A 33 -2.03 2.96 -1.94
CA THR A 33 -2.88 4.04 -2.41
C THR A 33 -4.34 3.64 -2.42
N LYS A 34 -5.22 4.56 -2.09
CA LYS A 34 -6.66 4.30 -2.06
C LYS A 34 -7.31 4.70 -3.39
N VAL A 35 -8.37 3.99 -3.75
CA VAL A 35 -9.08 4.27 -4.98
C VAL A 35 -10.58 4.47 -4.73
#